data_4RGT
#
_entry.id   4RGT
#
_cell.length_a   141.832
_cell.length_b   141.832
_cell.length_c   41.991
_cell.angle_alpha   90.00
_cell.angle_beta   90.00
_cell.angle_gamma   120.00
#
_symmetry.space_group_name_H-M   'P 64'
#
loop_
_entity.id
_entity.type
_entity.pdbx_description
1 polymer 'Putative uncharacterized protein'
2 branched 'N-acetyl-alpha-neuraminic acid-(2-3)-beta-D-galactopyranose-(1-4)-2-acetamido-2-deoxy-beta-D-glucopyranose'
3 non-polymer DI(HYDROXYETHYL)ETHER
4 water water
#
_entity_poly.entity_id   1
_entity_poly.type   'polypeptide(L)'
_entity_poly.pdbx_seq_one_letter_code
;MGSSHHHHHHENLYFQGAESTQGQHNYKSLKYYYSKPSIELKNLDGLYRQKVTDKGVYVWKDRKDYFVGLLGKDIEKYPQ
GEHDKQDAFLVIEEETVNGRQYSIGGLSKTNSKEFSKEVDVKVTRKIDESSEKSKDSKFKITKEEISLKELDFKLRKKLM
EEEKLYGAVNNRKGKIVVKMEDDKFYTFELTKKLQPHRMGDTIDGTKIKEINVELEYK
;
_entity_poly.pdbx_strand_id   A,B
#
# COMPACT_ATOMS: atom_id res chain seq x y z
N HIS A 25 -10.18 0.04 12.46
CA HIS A 25 -9.27 -1.03 11.93
C HIS A 25 -9.65 -2.41 12.47
N ASN A 26 -9.92 -3.34 11.56
CA ASN A 26 -10.34 -4.71 11.90
C ASN A 26 -9.42 -5.37 12.93
N TYR A 27 -9.98 -5.59 14.13
CA TYR A 27 -9.23 -6.18 15.25
C TYR A 27 -8.86 -7.64 14.99
N LYS A 28 -9.72 -8.36 14.27
CA LYS A 28 -9.42 -9.74 13.94
C LYS A 28 -8.14 -9.75 13.09
N SER A 29 -8.11 -8.89 12.07
CA SER A 29 -6.99 -8.81 11.11
C SER A 29 -5.72 -8.27 11.74
N LEU A 30 -5.86 -7.39 12.73
CA LEU A 30 -4.72 -6.79 13.44
C LEU A 30 -3.97 -7.81 14.30
N LYS A 31 -4.67 -8.46 15.22
CA LYS A 31 -4.00 -9.41 16.09
C LYS A 31 -3.55 -10.62 15.27
N TYR A 32 -4.34 -10.95 14.25
CA TYR A 32 -4.01 -12.09 13.42
C TYR A 32 -2.64 -11.88 12.76
N TYR A 33 -2.39 -10.68 12.22
CA TYR A 33 -1.08 -10.44 11.59
C TYR A 33 -0.02 -10.60 12.66
N TYR A 34 -0.11 -9.85 13.76
CA TYR A 34 1.00 -9.89 14.78
C TYR A 34 1.14 -11.21 15.56
N SER A 35 0.16 -12.09 15.45
CA SER A 35 0.24 -13.37 16.12
C SER A 35 0.93 -14.41 15.22
N LYS A 36 0.98 -14.13 13.93
CA LYS A 36 1.62 -15.03 12.98
C LYS A 36 3.09 -15.29 13.27
N PRO A 37 3.57 -16.46 12.82
CA PRO A 37 4.98 -16.75 12.98
C PRO A 37 5.74 -16.00 11.89
N SER A 38 7.01 -15.70 12.15
CA SER A 38 7.86 -15.04 11.20
C SER A 38 8.99 -15.99 10.78
N ILE A 39 9.55 -15.73 9.61
CA ILE A 39 10.65 -16.54 9.13
C ILE A 39 11.80 -15.61 8.84
N GLU A 40 12.88 -15.76 9.59
N GLU A 40 12.88 -15.80 9.57
CA GLU A 40 14.06 -14.93 9.41
CA GLU A 40 14.08 -15.01 9.43
C GLU A 40 15.06 -15.65 8.51
C GLU A 40 15.04 -15.70 8.49
N LEU A 41 15.11 -15.23 7.25
CA LEU A 41 16.02 -15.81 6.26
C LEU A 41 17.26 -14.93 6.07
N LYS A 42 18.33 -15.28 6.79
CA LYS A 42 19.60 -14.56 6.72
C LYS A 42 20.42 -15.08 5.54
N ASN A 43 21.07 -14.17 4.82
CA ASN A 43 21.91 -14.56 3.68
C ASN A 43 21.16 -15.45 2.67
N LEU A 44 20.17 -14.86 2.00
CA LEU A 44 19.41 -15.62 1.01
C LEU A 44 20.33 -16.26 0.00
N ASP A 45 19.92 -17.42 -0.52
CA ASP A 45 20.66 -18.03 -1.59
C ASP A 45 20.43 -17.21 -2.87
N GLY A 46 19.33 -16.43 -2.91
CA GLY A 46 19.07 -15.57 -4.05
C GLY A 46 17.93 -14.57 -3.85
N LEU A 47 17.97 -13.51 -4.65
CA LEU A 47 16.94 -12.44 -4.66
C LEU A 47 16.94 -11.94 -6.11
N TYR A 48 15.83 -12.15 -6.80
CA TYR A 48 15.72 -11.84 -8.22
C TYR A 48 14.53 -10.98 -8.61
N ARG A 49 14.84 -9.82 -9.20
CA ARG A 49 13.83 -8.91 -9.73
C ARG A 49 13.73 -9.26 -11.20
N GLN A 50 12.68 -9.99 -11.57
CA GLN A 50 12.55 -10.43 -12.96
C GLN A 50 12.44 -9.26 -13.94
N LYS A 51 11.65 -8.25 -13.60
CA LYS A 51 11.51 -7.06 -14.45
C LYS A 51 11.06 -5.85 -13.62
N VAL A 52 11.43 -4.65 -14.08
CA VAL A 52 11.12 -3.44 -13.32
C VAL A 52 9.61 -3.19 -13.26
N THR A 53 8.83 -3.85 -14.12
CA THR A 53 7.39 -3.73 -14.05
C THR A 53 6.78 -4.66 -12.96
N ASP A 54 7.59 -5.56 -12.40
CA ASP A 54 7.14 -6.40 -11.30
C ASP A 54 7.19 -5.60 -9.99
N LYS A 55 6.16 -5.74 -9.17
CA LYS A 55 6.12 -5.06 -7.88
C LYS A 55 6.59 -6.01 -6.75
N GLY A 56 7.72 -6.69 -7.00
CA GLY A 56 8.26 -7.61 -6.01
C GLY A 56 9.48 -8.35 -6.57
N VAL A 57 10.05 -9.20 -5.72
CA VAL A 57 11.23 -10.02 -6.09
C VAL A 57 11.05 -11.46 -5.63
N TYR A 58 11.66 -12.39 -6.32
CA TYR A 58 11.63 -13.77 -5.91
C TYR A 58 12.85 -13.97 -5.05
N VAL A 59 12.64 -14.47 -3.84
CA VAL A 59 13.74 -14.79 -2.95
C VAL A 59 13.68 -16.28 -2.66
N TRP A 60 14.83 -16.86 -2.32
CA TRP A 60 14.89 -18.26 -1.92
C TRP A 60 16.11 -18.57 -1.04
N LYS A 61 15.92 -19.50 -0.10
CA LYS A 61 17.00 -19.99 0.75
C LYS A 61 16.66 -21.45 1.03
N ASP A 62 17.68 -22.31 0.88
N ASP A 62 17.65 -22.34 0.96
CA ASP A 62 17.54 -23.75 0.92
CA ASP A 62 17.45 -23.77 1.29
C ASP A 62 16.77 -24.04 -0.35
C ASP A 62 16.24 -24.48 0.65
N ARG A 63 15.78 -24.92 -0.29
N ARG A 63 16.13 -24.35 -0.67
CA ARG A 63 14.96 -25.17 -1.47
CA ARG A 63 15.11 -25.05 -1.48
C ARG A 63 13.55 -24.63 -1.26
C ARG A 63 13.64 -24.60 -1.27
N LYS A 64 13.46 -23.44 -0.65
CA LYS A 64 12.15 -22.82 -0.38
C LYS A 64 12.12 -21.44 -1.02
N ASP A 65 11.10 -21.13 -1.81
CA ASP A 65 11.04 -19.79 -2.39
C ASP A 65 9.81 -19.00 -1.97
N TYR A 66 9.92 -17.69 -2.15
CA TYR A 66 8.86 -16.77 -1.77
C TYR A 66 8.89 -15.61 -2.75
N PHE A 67 7.76 -14.89 -2.85
CA PHE A 67 7.73 -13.67 -3.66
C PHE A 67 7.48 -12.57 -2.63
N VAL A 68 8.30 -11.53 -2.67
CA VAL A 68 8.26 -10.48 -1.71
C VAL A 68 7.90 -9.20 -2.36
N GLY A 69 6.77 -8.63 -1.93
CA GLY A 69 6.30 -7.40 -2.48
C GLY A 69 7.13 -6.19 -2.14
N LEU A 70 7.38 -5.38 -3.16
CA LEU A 70 8.09 -4.14 -3.04
C LEU A 70 7.04 -3.04 -3.23
N LEU A 71 6.48 -2.60 -2.11
CA LEU A 71 5.39 -1.60 -2.11
C LEU A 71 5.73 -0.22 -1.59
N GLY A 72 7.01 0.11 -1.46
CA GLY A 72 7.37 1.43 -1.00
C GLY A 72 8.61 1.88 -1.72
N LYS A 73 9.39 2.71 -1.07
CA LYS A 73 10.68 3.13 -1.65
C LYS A 73 11.64 1.94 -1.83
N ASP A 74 11.41 0.85 -1.10
CA ASP A 74 12.25 -0.35 -1.26
C ASP A 74 12.30 -0.78 -2.72
N ILE A 75 11.26 -0.48 -3.51
CA ILE A 75 11.26 -0.87 -4.92
C ILE A 75 12.44 -0.28 -5.72
N GLU A 76 12.94 0.89 -5.30
CA GLU A 76 14.03 1.57 -5.98
C GLU A 76 15.37 0.84 -5.75
N LYS A 77 15.45 0.08 -4.68
CA LYS A 77 16.66 -0.63 -4.28
C LYS A 77 16.99 -1.89 -5.06
N TYR A 78 16.02 -2.48 -5.74
CA TYR A 78 16.25 -3.73 -6.44
C TYR A 78 15.95 -3.65 -7.94
N PRO A 79 16.84 -3.01 -8.73
CA PRO A 79 16.62 -2.96 -10.19
C PRO A 79 16.62 -4.36 -10.77
N GLN A 80 16.31 -4.47 -12.05
CA GLN A 80 16.21 -5.77 -12.72
C GLN A 80 17.50 -6.59 -12.53
N GLY A 81 17.35 -7.88 -12.23
CA GLY A 81 18.49 -8.79 -12.05
C GLY A 81 18.60 -9.44 -10.68
N GLU A 82 19.74 -10.08 -10.44
CA GLU A 82 20.00 -10.78 -9.19
C GLU A 82 20.78 -9.88 -8.26
N HIS A 83 20.55 -10.07 -6.97
CA HIS A 83 21.19 -9.31 -5.92
C HIS A 83 21.64 -10.30 -4.85
N ASP A 84 22.92 -10.29 -4.50
CA ASP A 84 23.42 -11.22 -3.49
C ASP A 84 23.47 -10.56 -2.12
N LYS A 85 23.62 -11.43 -1.11
CA LYS A 85 23.73 -11.08 0.30
C LYS A 85 22.67 -10.06 0.81
N GLN A 86 21.46 -10.55 0.69
CA GLN A 86 20.31 -9.85 1.16
C GLN A 86 19.78 -10.73 2.26
N ASP A 87 18.96 -10.15 3.12
CA ASP A 87 18.27 -10.86 4.21
C ASP A 87 16.78 -10.61 3.98
N ALA A 88 15.93 -11.51 4.47
CA ALA A 88 14.51 -11.35 4.37
C ALA A 88 13.87 -11.71 5.71
N PHE A 89 13.01 -10.82 6.19
CA PHE A 89 12.21 -11.06 7.36
C PHE A 89 10.83 -11.28 6.78
N LEU A 90 10.36 -12.52 6.80
CA LEU A 90 9.07 -12.84 6.18
C LEU A 90 7.97 -13.04 7.19
N VAL A 91 6.78 -12.58 6.83
CA VAL A 91 5.56 -12.88 7.56
C VAL A 91 4.63 -13.26 6.41
N ILE A 92 4.23 -14.52 6.37
CA ILE A 92 3.47 -15.03 5.24
C ILE A 92 2.02 -14.54 5.22
N GLU A 93 1.68 -13.88 4.11
CA GLU A 93 0.34 -13.30 3.90
C GLU A 93 -0.69 -14.37 3.51
N GLU A 94 -1.97 -14.00 3.47
CA GLU A 94 -3.01 -14.94 3.11
C GLU A 94 -3.05 -15.17 1.62
N GLU A 95 -2.72 -14.13 0.86
CA GLU A 95 -2.72 -14.20 -0.59
C GLU A 95 -1.52 -14.93 -1.14
N THR A 96 -1.73 -15.80 -2.15
CA THR A 96 -0.62 -16.41 -2.86
C THR A 96 -0.36 -15.46 -4.03
N VAL A 97 0.89 -15.15 -4.30
CA VAL A 97 1.24 -14.24 -5.40
C VAL A 97 2.25 -14.90 -6.37
N ASN A 98 1.97 -14.78 -7.67
CA ASN A 98 2.79 -15.42 -8.70
C ASN A 98 3.01 -16.91 -8.37
N GLY A 99 1.96 -17.53 -7.85
CA GLY A 99 1.98 -18.95 -7.50
C GLY A 99 2.84 -19.34 -6.30
N ARG A 100 3.28 -18.36 -5.53
CA ARG A 100 4.14 -18.61 -4.37
C ARG A 100 3.63 -17.98 -3.08
N GLN A 101 4.19 -18.44 -1.96
CA GLN A 101 3.92 -17.80 -0.68
C GLN A 101 4.47 -16.37 -0.77
N TYR A 102 3.77 -15.44 -0.14
CA TYR A 102 4.02 -14.00 -0.25
C TYR A 102 4.23 -13.29 1.07
N SER A 103 5.11 -12.30 1.04
CA SER A 103 5.38 -11.46 2.18
C SER A 103 5.65 -10.09 1.63
N ILE A 104 5.44 -9.07 2.46
CA ILE A 104 5.58 -7.71 2.03
C ILE A 104 6.75 -6.99 2.70
N GLY A 105 7.68 -6.51 1.89
CA GLY A 105 8.82 -5.73 2.36
C GLY A 105 9.77 -6.60 3.16
N GLY A 106 10.37 -6.03 4.18
CA GLY A 106 11.22 -6.81 5.06
C GLY A 106 12.56 -7.28 4.55
N LEU A 107 13.00 -6.70 3.44
CA LEU A 107 14.30 -7.03 2.90
C LEU A 107 15.35 -6.07 3.46
N SER A 108 16.59 -6.54 3.50
CA SER A 108 17.69 -5.71 3.99
C SER A 108 19.01 -6.32 3.59
N LYS A 109 20.09 -5.57 3.76
CA LYS A 109 21.45 -6.07 3.48
C LYS A 109 21.86 -7.04 4.59
N THR A 110 22.53 -8.12 4.23
CA THR A 110 23.07 -9.08 5.20
C THR A 110 24.19 -8.41 5.99
N ASN A 111 24.46 -8.90 7.18
CA ASN A 111 25.56 -8.38 7.97
C ASN A 111 26.91 -8.59 7.31
N SER A 112 27.85 -7.68 7.59
N SER A 112 27.84 -7.68 7.62
CA SER A 112 29.25 -7.80 7.15
CA SER A 112 29.22 -7.77 7.17
C SER A 112 30.04 -8.57 8.19
C SER A 112 30.04 -8.54 8.19
N LYS A 113 29.57 -8.54 9.44
CA LYS A 113 30.23 -9.22 10.56
C LYS A 113 29.25 -9.63 11.69
N GLU A 114 29.73 -10.47 12.60
CA GLU A 114 28.91 -10.87 13.75
C GLU A 114 28.58 -9.58 14.48
N PHE A 115 27.30 -9.42 14.84
CA PHE A 115 26.88 -8.21 15.49
C PHE A 115 25.71 -8.43 16.44
N SER A 116 25.75 -7.76 17.58
N SER A 116 25.78 -7.78 17.60
CA SER A 116 24.68 -7.81 18.56
CA SER A 116 24.74 -7.83 18.62
C SER A 116 24.81 -6.56 19.40
C SER A 116 24.82 -6.56 19.44
N LYS A 117 23.67 -5.94 19.68
CA LYS A 117 23.61 -4.73 20.45
C LYS A 117 22.38 -4.85 21.33
N GLU A 118 22.48 -4.26 22.51
CA GLU A 118 21.45 -4.36 23.51
C GLU A 118 20.96 -2.93 23.76
N VAL A 119 19.70 -2.63 23.44
CA VAL A 119 19.19 -1.27 23.73
C VAL A 119 18.05 -1.31 24.73
N ASP A 120 17.86 -0.18 25.40
CA ASP A 120 16.79 -0.06 26.39
C ASP A 120 15.45 0.05 25.69
N VAL A 121 14.47 -0.70 26.18
CA VAL A 121 13.07 -0.58 25.79
C VAL A 121 12.44 -0.02 27.06
N LYS A 122 11.82 1.15 26.97
N LYS A 122 11.83 1.15 26.96
CA LYS A 122 11.19 1.80 28.13
CA LYS A 122 11.18 1.81 28.11
C LYS A 122 9.69 1.89 27.86
C LYS A 122 9.69 1.89 27.86
N VAL A 123 8.90 1.15 28.64
CA VAL A 123 7.44 1.11 28.48
C VAL A 123 6.71 1.95 29.49
N THR A 124 5.95 2.93 29.02
CA THR A 124 5.17 3.86 29.84
C THR A 124 3.67 3.69 29.63
N ARG A 125 2.91 3.69 30.73
CA ARG A 125 1.46 3.55 30.69
C ARG A 125 0.86 4.93 30.93
N LYS A 126 -0.01 5.37 30.02
CA LYS A 126 -0.66 6.66 30.17
C LYS A 126 -2.18 6.53 30.08
N GLU A 129 -4.85 8.78 31.81
CA GLU A 129 -3.93 9.91 31.79
C GLU A 129 -2.80 9.68 32.81
N SER A 130 -1.89 10.64 32.90
CA SER A 130 -0.72 10.60 33.82
C SER A 130 0.50 11.13 33.08
N GLU A 132 3.97 7.82 36.71
CA GLU A 132 4.07 7.44 35.32
C GLU A 132 5.49 6.91 35.01
N LYS A 133 6.05 6.13 35.93
CA LYS A 133 7.42 5.60 35.80
C LYS A 133 7.46 4.43 34.81
N SER A 134 8.49 4.42 33.96
CA SER A 134 8.58 3.40 32.90
C SER A 134 9.08 2.06 33.41
N LYS A 135 8.59 1.00 32.75
CA LYS A 135 9.03 -0.36 33.00
C LYS A 135 10.08 -0.61 31.92
N ASP A 136 11.32 -0.76 32.35
CA ASP A 136 12.46 -0.88 31.43
C ASP A 136 13.00 -2.30 31.25
N SER A 137 13.34 -2.63 30.00
CA SER A 137 13.92 -3.93 29.68
C SER A 137 14.95 -3.72 28.54
N LYS A 138 15.49 -4.82 28.01
CA LYS A 138 16.50 -4.72 26.98
C LYS A 138 16.02 -5.46 25.77
N PHE A 139 16.40 -4.97 24.60
CA PHE A 139 16.02 -5.61 23.34
C PHE A 139 17.28 -5.81 22.49
N LYS A 140 17.47 -7.02 21.98
CA LYS A 140 18.66 -7.39 21.22
C LYS A 140 18.56 -7.12 19.71
N ILE A 141 19.51 -6.34 19.21
CA ILE A 141 19.62 -5.98 17.80
C ILE A 141 20.83 -6.72 17.21
N THR A 142 20.60 -7.62 16.26
CA THR A 142 21.68 -8.42 15.65
C THR A 142 21.97 -8.14 14.18
N LYS A 143 21.20 -7.24 13.59
CA LYS A 143 21.38 -6.89 12.19
C LYS A 143 21.87 -5.47 12.09
N GLU A 144 22.89 -5.29 11.26
CA GLU A 144 23.46 -3.98 10.97
C GLU A 144 22.46 -3.14 10.20
N GLU A 145 21.68 -3.78 9.32
CA GLU A 145 20.61 -3.08 8.60
C GLU A 145 19.33 -3.86 8.84
N ILE A 146 18.31 -3.17 9.31
CA ILE A 146 17.07 -3.82 9.68
C ILE A 146 15.83 -3.10 9.14
N SER A 147 14.85 -3.89 8.69
CA SER A 147 13.59 -3.34 8.15
C SER A 147 12.67 -2.93 9.27
N LEU A 148 11.84 -1.91 9.00
CA LEU A 148 10.84 -1.51 9.96
C LEU A 148 9.87 -2.65 10.16
N LYS A 149 9.65 -3.47 9.13
CA LYS A 149 8.77 -4.64 9.29
C LYS A 149 9.23 -5.50 10.46
N GLU A 150 10.52 -5.77 10.53
CA GLU A 150 11.07 -6.63 11.57
C GLU A 150 10.97 -6.01 12.97
N LEU A 151 11.39 -4.78 13.10
CA LEU A 151 11.30 -4.11 14.39
C LEU A 151 9.86 -4.00 14.87
N ASP A 152 8.97 -3.58 13.98
CA ASP A 152 7.57 -3.48 14.32
C ASP A 152 7.03 -4.82 14.81
N PHE A 153 7.33 -5.88 14.06
CA PHE A 153 6.78 -7.19 14.33
C PHE A 153 7.29 -7.72 15.65
N LYS A 154 8.60 -7.68 15.85
CA LYS A 154 9.21 -8.19 17.08
C LYS A 154 8.85 -7.37 18.30
N LEU A 155 8.78 -6.06 18.16
CA LEU A 155 8.44 -5.21 19.31
C LEU A 155 6.97 -5.38 19.71
N ARG A 156 6.09 -5.60 18.74
CA ARG A 156 4.70 -5.85 19.08
C ARG A 156 4.56 -7.20 19.76
N LYS A 157 5.33 -8.21 19.32
CA LYS A 157 5.30 -9.53 20.00
C LYS A 157 5.69 -9.38 21.46
N LYS A 158 6.74 -8.60 21.69
CA LYS A 158 7.24 -8.39 23.04
C LYS A 158 6.11 -7.80 23.87
N LEU A 159 5.44 -6.80 23.32
CA LEU A 159 4.34 -6.16 24.04
C LEU A 159 3.10 -7.05 24.22
N MET A 160 2.90 -8.00 23.30
CA MET A 160 1.79 -8.98 23.42
C MET A 160 2.15 -9.95 24.55
N GLU A 161 3.42 -10.36 24.60
CA GLU A 161 3.92 -11.25 25.64
C GLU A 161 4.00 -10.62 27.02
N GLU A 162 4.43 -9.36 27.08
CA GLU A 162 4.72 -8.70 28.37
C GLU A 162 3.77 -7.62 28.84
N GLU A 163 3.03 -7.00 27.94
CA GLU A 163 2.16 -5.90 28.31
C GLU A 163 0.73 -6.09 27.84
N LYS A 164 0.35 -7.34 27.56
CA LYS A 164 -1.02 -7.67 27.14
C LYS A 164 -1.53 -6.84 25.97
N LEU A 165 -0.65 -6.50 25.03
CA LEU A 165 -1.05 -5.77 23.85
C LEU A 165 -1.96 -6.71 23.05
N TYR A 166 -3.12 -6.19 22.66
CA TYR A 166 -4.13 -6.96 21.93
C TYR A 166 -4.60 -8.18 22.73
N GLY A 167 -4.56 -8.07 24.05
CA GLY A 167 -4.99 -9.17 24.92
C GLY A 167 -6.47 -9.00 25.24
N ALA A 168 -7.00 -7.85 24.86
CA ALA A 168 -8.40 -7.51 25.06
C ALA A 168 -8.72 -6.52 23.95
N VAL A 169 -9.99 -6.43 23.56
CA VAL A 169 -10.37 -5.49 22.49
C VAL A 169 -10.01 -4.03 22.82
N ASN A 170 -9.86 -3.69 24.11
CA ASN A 170 -9.42 -2.35 24.54
C ASN A 170 -7.86 -2.16 24.62
N ASN A 171 -7.10 -3.24 24.52
CA ASN A 171 -5.63 -3.17 24.62
C ASN A 171 -4.96 -3.01 23.28
N ARG A 172 -5.06 -1.82 22.71
CA ARG A 172 -4.59 -1.60 21.37
C ARG A 172 -4.03 -0.20 21.07
N LYS A 173 -4.23 0.76 21.96
CA LYS A 173 -3.81 2.13 21.69
C LYS A 173 -2.46 2.53 22.31
N GLY A 174 -1.58 3.10 21.49
CA GLY A 174 -0.28 3.58 21.93
C GLY A 174 0.70 3.69 20.78
N LYS A 175 1.99 3.84 21.10
CA LYS A 175 3.01 3.91 20.07
C LYS A 175 4.35 3.36 20.52
N ILE A 176 5.12 2.92 19.53
CA ILE A 176 6.47 2.45 19.75
C ILE A 176 7.32 3.46 19.01
N VAL A 177 8.35 3.99 19.66
CA VAL A 177 9.28 4.92 19.00
C VAL A 177 10.73 4.42 19.04
N VAL A 178 11.28 4.17 17.87
CA VAL A 178 12.65 3.74 17.74
C VAL A 178 13.50 4.99 17.60
N LYS A 179 14.37 5.27 18.59
CA LYS A 179 15.17 6.49 18.57
C LYS A 179 16.62 6.20 18.22
N MET A 180 17.16 7.03 17.32
CA MET A 180 18.50 6.83 16.81
C MET A 180 19.50 7.62 17.61
N GLU A 181 20.77 7.25 17.48
CA GLU A 181 21.87 7.96 18.18
C GLU A 181 21.90 9.41 17.83
N ASP A 182 21.50 9.77 16.60
CA ASP A 182 21.48 11.18 16.18
C ASP A 182 20.13 11.85 16.49
N ASP A 183 19.29 11.15 17.23
CA ASP A 183 17.96 11.65 17.64
C ASP A 183 16.84 11.63 16.58
N LYS A 184 17.12 11.08 15.41
CA LYS A 184 16.06 10.81 14.46
C LYS A 184 15.23 9.67 15.07
N PHE A 185 14.02 9.45 14.58
CA PHE A 185 13.16 8.45 15.14
C PHE A 185 12.15 7.88 14.14
N TYR A 186 11.66 6.69 14.45
CA TYR A 186 10.65 5.98 13.65
C TYR A 186 9.53 5.53 14.59
N THR A 187 8.31 5.81 14.18
CA THR A 187 7.15 5.56 14.99
C THR A 187 6.18 4.53 14.47
N PHE A 188 5.78 3.59 15.34
CA PHE A 188 4.75 2.58 14.98
C PHE A 188 3.50 2.76 15.84
N GLU A 189 2.40 3.15 15.19
CA GLU A 189 1.11 3.37 15.88
C GLU A 189 0.44 2.05 16.15
N LEU A 190 0.13 1.77 17.41
CA LEU A 190 -0.39 0.46 17.78
C LEU A 190 -1.84 0.11 17.42
N THR A 191 -2.67 1.11 17.13
CA THR A 191 -4.08 0.89 16.79
C THR A 191 -4.28 0.33 15.39
N LYS A 192 -3.21 0.32 14.60
CA LYS A 192 -3.25 -0.19 13.26
C LYS A 192 -1.95 -0.87 12.88
N LYS A 193 -2.04 -1.68 11.84
CA LYS A 193 -0.85 -2.36 11.34
C LYS A 193 0.13 -1.36 10.74
N LEU A 194 1.39 -1.75 10.72
CA LEU A 194 2.39 -0.93 10.08
C LEU A 194 1.92 -0.83 8.62
N GLN A 195 2.02 0.37 8.04
CA GLN A 195 1.58 0.61 6.66
C GLN A 195 2.46 -0.17 5.67
N PRO A 196 1.84 -0.76 4.63
CA PRO A 196 2.64 -1.59 3.75
C PRO A 196 3.83 -0.89 3.11
N HIS A 197 3.68 0.39 2.76
CA HIS A 197 4.76 1.14 2.09
C HIS A 197 5.91 1.44 3.03
N ARG A 198 5.75 1.18 4.33
CA ARG A 198 6.84 1.35 5.30
C ARG A 198 7.53 0.05 5.68
N MET A 199 6.97 -1.09 5.33
CA MET A 199 7.55 -2.38 5.73
C MET A 199 8.93 -2.68 5.13
N GLY A 200 9.18 -2.11 3.95
CA GLY A 200 10.47 -2.23 3.28
C GLY A 200 11.45 -1.10 3.62
N ASP A 201 11.10 -0.16 4.48
CA ASP A 201 12.08 0.89 4.85
C ASP A 201 13.09 0.26 5.82
N THR A 202 14.36 0.66 5.73
CA THR A 202 15.36 0.08 6.61
C THR A 202 16.11 1.15 7.38
N ILE A 203 16.71 0.74 8.47
CA ILE A 203 17.52 1.66 9.25
C ILE A 203 18.78 0.96 9.70
N ASP A 204 19.73 1.76 10.14
CA ASP A 204 21.00 1.27 10.61
C ASP A 204 20.84 0.80 12.05
N GLY A 205 20.80 -0.52 12.20
CA GLY A 205 20.65 -1.16 13.49
C GLY A 205 21.77 -0.84 14.45
N THR A 206 22.98 -0.62 13.91
CA THR A 206 24.13 -0.28 14.76
C THR A 206 23.97 1.10 15.38
N LYS A 207 23.01 1.90 14.88
CA LYS A 207 22.80 3.25 15.39
C LYS A 207 21.49 3.49 16.17
N ILE A 208 20.79 2.43 16.53
CA ILE A 208 19.59 2.58 17.35
C ILE A 208 20.03 2.88 18.80
N LYS A 209 19.50 3.96 19.37
N LYS A 209 19.50 3.96 19.37
CA LYS A 209 19.86 4.35 20.74
CA LYS A 209 19.87 4.35 20.75
C LYS A 209 18.96 3.71 21.78
C LYS A 209 18.96 3.72 21.79
N GLU A 210 17.65 3.85 21.61
CA GLU A 210 16.68 3.29 22.56
C GLU A 210 15.32 3.18 21.91
N ILE A 211 14.41 2.51 22.60
CA ILE A 211 13.03 2.31 22.11
C ILE A 211 12.11 2.74 23.24
N ASN A 212 11.23 3.69 22.95
CA ASN A 212 10.32 4.24 23.94
C ASN A 212 8.89 3.89 23.57
N VAL A 213 8.20 3.21 24.47
CA VAL A 213 6.83 2.76 24.20
C VAL A 213 5.82 3.45 25.10
N GLU A 214 4.74 3.95 24.50
CA GLU A 214 3.62 4.53 25.26
C GLU A 214 2.43 3.61 25.11
N LEU A 215 1.87 3.13 26.22
CA LEU A 215 0.67 2.29 26.15
C LEU A 215 -0.48 3.06 26.81
N GLU A 216 -1.54 3.33 26.07
CA GLU A 216 -2.68 4.08 26.59
C GLU A 216 -3.80 3.16 27.10
N TYR A 217 -3.43 2.20 27.93
CA TYR A 217 -4.37 1.26 28.50
C TYR A 217 -3.65 0.56 29.66
N LYS A 218 -4.39 0.11 30.67
CA LYS A 218 -3.76 -0.61 31.78
C LYS A 218 -4.11 -2.09 31.81
N HIS B 25 10.72 8.03 -9.02
CA HIS B 25 9.70 7.01 -9.41
C HIS B 25 9.94 6.52 -10.84
N ASN B 26 10.04 5.21 -10.98
CA ASN B 26 10.36 4.58 -12.27
C ASN B 26 9.43 5.06 -13.39
N TYR B 27 9.99 5.71 -14.41
CA TYR B 27 9.19 6.20 -15.54
C TYR B 27 8.59 5.04 -16.35
N LYS B 28 9.38 3.99 -16.56
CA LYS B 28 8.92 2.82 -17.29
C LYS B 28 7.66 2.20 -16.64
N SER B 29 7.68 2.01 -15.32
CA SER B 29 6.56 1.36 -14.64
C SER B 29 5.35 2.31 -14.54
N LEU B 30 5.65 3.61 -14.43
CA LEU B 30 4.64 4.68 -14.43
C LEU B 30 3.85 4.63 -15.75
N LYS B 31 4.57 4.75 -16.85
CA LYS B 31 3.93 4.74 -18.18
C LYS B 31 3.30 3.38 -18.48
N TYR B 32 3.94 2.32 -18.05
CA TYR B 32 3.40 0.99 -18.33
C TYR B 32 2.02 0.89 -17.72
N TYR B 33 1.88 1.41 -16.50
CA TYR B 33 0.60 1.35 -15.82
C TYR B 33 -0.49 2.14 -16.58
N TYR B 34 -0.22 3.40 -16.95
CA TYR B 34 -1.27 4.27 -17.54
C TYR B 34 -1.56 3.98 -19.02
N SER B 35 -0.64 3.27 -19.65
CA SER B 35 -0.79 2.83 -21.04
C SER B 35 -1.70 1.61 -21.13
N LYS B 36 -1.86 0.87 -20.02
CA LYS B 36 -2.67 -0.35 -20.00
C LYS B 36 -4.12 -0.15 -20.34
N PRO B 37 -4.79 -1.22 -20.79
CA PRO B 37 -6.20 -1.09 -21.01
C PRO B 37 -6.89 -1.23 -19.68
N SER B 38 -8.11 -0.70 -19.58
CA SER B 38 -8.93 -0.87 -18.39
C SER B 38 -10.11 -1.74 -18.74
N ILE B 39 -10.73 -2.32 -17.73
CA ILE B 39 -11.95 -3.11 -17.92
C ILE B 39 -12.99 -2.53 -16.96
N GLU B 40 -14.09 -1.96 -17.49
CA GLU B 40 -15.15 -1.43 -16.64
C GLU B 40 -16.28 -2.44 -16.53
N LEU B 41 -16.48 -2.98 -15.33
CA LEU B 41 -17.54 -3.94 -15.09
C LEU B 41 -18.64 -3.29 -14.28
N LYS B 42 -19.79 -3.09 -14.92
CA LYS B 42 -20.93 -2.51 -14.23
C LYS B 42 -21.91 -3.56 -13.75
N ASN B 43 -22.24 -3.47 -12.47
CA ASN B 43 -23.15 -4.39 -11.79
C ASN B 43 -22.62 -5.84 -11.86
N LEU B 44 -21.60 -6.09 -11.04
CA LEU B 44 -20.96 -7.41 -10.94
C LEU B 44 -21.99 -8.50 -10.64
N ASP B 45 -21.73 -9.71 -11.17
CA ASP B 45 -22.57 -10.89 -10.89
C ASP B 45 -22.24 -11.31 -9.44
N GLY B 46 -21.04 -10.97 -8.99
CA GLY B 46 -20.65 -11.30 -7.65
C GLY B 46 -19.43 -10.56 -7.17
N LEU B 47 -19.39 -10.37 -5.85
CA LEU B 47 -18.24 -9.78 -5.20
C LEU B 47 -18.23 -10.51 -3.88
N TYR B 48 -17.16 -11.27 -3.64
CA TYR B 48 -17.08 -12.14 -2.49
C TYR B 48 -15.83 -11.91 -1.65
N ARG B 49 -16.05 -11.58 -0.37
CA ARG B 49 -14.96 -11.43 0.57
C ARG B 49 -14.92 -12.78 1.26
N GLN B 50 -13.95 -13.63 0.92
CA GLN B 50 -13.92 -14.98 1.50
C GLN B 50 -13.73 -14.99 3.01
N LYS B 51 -12.84 -14.15 3.52
CA LYS B 51 -12.60 -14.05 4.96
C LYS B 51 -12.00 -12.71 5.34
N VAL B 52 -12.19 -12.30 6.61
CA VAL B 52 -11.70 -10.99 7.07
C VAL B 52 -10.17 -10.86 7.14
N THR B 53 -9.46 -11.98 7.04
CA THR B 53 -8.01 -11.95 7.03
C THR B 53 -7.43 -11.73 5.62
N ASP B 54 -8.27 -11.86 4.59
CA ASP B 54 -7.87 -11.61 3.21
C ASP B 54 -7.69 -10.09 2.97
N LYS B 55 -6.89 -9.72 1.97
CA LYS B 55 -6.69 -8.33 1.56
C LYS B 55 -7.29 -8.09 0.17
N GLY B 56 -8.45 -8.70 -0.09
CA GLY B 56 -9.12 -8.47 -1.34
C GLY B 56 -10.41 -9.27 -1.46
N VAL B 57 -11.03 -9.12 -2.61
CA VAL B 57 -12.28 -9.79 -2.89
C VAL B 57 -12.23 -10.41 -4.26
N TYR B 58 -13.03 -11.47 -4.40
CA TYR B 58 -13.18 -12.13 -5.66
C TYR B 58 -14.35 -11.46 -6.35
N VAL B 59 -14.16 -11.03 -7.60
CA VAL B 59 -15.24 -10.43 -8.35
C VAL B 59 -15.38 -11.13 -9.70
N TRP B 60 -16.60 -11.17 -10.23
CA TRP B 60 -16.82 -11.76 -11.51
C TRP B 60 -18.08 -11.19 -12.15
N LYS B 61 -18.09 -11.20 -13.46
CA LYS B 61 -19.25 -10.78 -14.23
C LYS B 61 -19.15 -11.54 -15.52
N ASP B 62 -20.30 -12.10 -15.91
N ASP B 62 -20.26 -12.14 -15.97
CA ASP B 62 -20.40 -13.01 -17.03
CA ASP B 62 -20.29 -12.85 -17.26
C ASP B 62 -19.55 -14.17 -16.58
C ASP B 62 -19.16 -13.88 -17.47
N ARG B 63 -18.66 -14.67 -17.43
N ARG B 63 -18.95 -14.74 -16.49
CA ARG B 63 -17.86 -15.80 -17.01
CA ARG B 63 -17.97 -15.85 -16.54
C ARG B 63 -16.41 -15.42 -16.77
C ARG B 63 -16.47 -15.48 -16.47
N LYS B 64 -16.15 -14.21 -16.27
CA LYS B 64 -14.75 -13.78 -16.05
C LYS B 64 -14.60 -13.36 -14.60
N ASP B 65 -13.53 -13.82 -13.96
CA ASP B 65 -13.33 -13.50 -12.57
C ASP B 65 -11.93 -12.94 -12.30
N TYR B 66 -11.85 -12.12 -11.27
CA TYR B 66 -10.64 -11.46 -10.91
C TYR B 66 -10.53 -11.42 -9.41
N PHE B 67 -9.35 -11.06 -8.92
CA PHE B 67 -9.15 -10.86 -7.48
C PHE B 67 -8.76 -9.39 -7.37
N VAL B 68 -9.49 -8.64 -6.54
CA VAL B 68 -9.27 -7.21 -6.40
C VAL B 68 -8.74 -6.89 -5.02
N GLY B 69 -7.57 -6.30 -4.98
CA GLY B 69 -6.99 -5.97 -3.69
C GLY B 69 -7.65 -4.78 -3.02
N LEU B 70 -7.86 -4.92 -1.71
CA LEU B 70 -8.42 -3.88 -0.83
C LEU B 70 -7.27 -3.44 0.08
N LEU B 71 -6.58 -2.39 -0.35
CA LEU B 71 -5.36 -1.95 0.31
C LEU B 71 -5.47 -0.61 1.02
N GLY B 72 -6.65 -0.05 1.10
CA GLY B 72 -6.87 1.19 1.86
C GLY B 72 -8.09 1.08 2.77
N LYS B 73 -8.80 2.19 2.95
N LYS B 73 -8.81 2.20 2.93
CA LYS B 73 -9.99 2.18 3.80
CA LYS B 73 -9.99 2.24 3.76
C LYS B 73 -11.11 1.39 3.11
C LYS B 73 -11.10 1.39 3.12
N ASP B 74 -10.98 1.14 1.82
CA ASP B 74 -11.95 0.34 1.09
C ASP B 74 -12.16 -1.02 1.75
N ILE B 75 -11.15 -1.50 2.44
CA ILE B 75 -11.26 -2.81 3.08
C ILE B 75 -12.40 -2.89 4.09
N GLU B 76 -12.78 -1.75 4.70
CA GLU B 76 -13.87 -1.74 5.68
C GLU B 76 -15.25 -1.80 5.07
N LYS B 77 -15.35 -1.62 3.75
N LYS B 77 -15.33 -1.64 3.74
CA LYS B 77 -16.63 -1.66 3.07
CA LYS B 77 -16.61 -1.65 3.05
C LYS B 77 -17.12 -3.05 2.72
C LYS B 77 -17.08 -3.03 2.63
N TYR B 78 -16.22 -4.04 2.77
CA TYR B 78 -16.55 -5.41 2.34
C TYR B 78 -16.23 -6.52 3.34
N PRO B 79 -17.07 -6.67 4.39
CA PRO B 79 -16.85 -7.73 5.37
C PRO B 79 -17.14 -9.10 4.74
N GLN B 80 -16.95 -10.17 5.50
CA GLN B 80 -17.08 -11.53 4.96
C GLN B 80 -18.41 -11.75 4.23
N GLY B 81 -18.38 -12.47 3.11
CA GLY B 81 -19.61 -12.84 2.38
C GLY B 81 -19.76 -12.15 1.03
N GLU B 82 -20.97 -12.19 0.48
CA GLU B 82 -21.24 -11.57 -0.83
C GLU B 82 -21.76 -10.14 -0.67
N HIS B 83 -21.59 -9.35 -1.72
CA HIS B 83 -22.05 -7.96 -1.76
C HIS B 83 -22.55 -7.68 -3.19
N ASP B 84 -23.78 -7.22 -3.29
CA ASP B 84 -24.37 -6.94 -4.59
C ASP B 84 -24.32 -5.45 -4.90
N LYS B 85 -24.80 -5.09 -6.08
CA LYS B 85 -24.92 -3.69 -6.51
C LYS B 85 -23.56 -2.97 -6.48
N GLN B 86 -22.51 -3.64 -6.97
CA GLN B 86 -21.14 -3.07 -7.02
C GLN B 86 -20.61 -3.06 -8.49
N ASP B 87 -19.71 -2.11 -8.75
CA ASP B 87 -19.02 -1.97 -10.03
C ASP B 87 -17.52 -2.15 -9.77
N ALA B 88 -16.78 -2.49 -10.83
CA ALA B 88 -15.34 -2.61 -10.72
C ALA B 88 -14.66 -1.94 -11.92
N PHE B 89 -13.65 -1.13 -11.62
CA PHE B 89 -12.83 -0.53 -12.65
C PHE B 89 -11.49 -1.22 -12.52
N LEU B 90 -11.21 -2.13 -13.46
CA LEU B 90 -10.01 -2.99 -13.39
C LEU B 90 -8.88 -2.52 -14.28
N VAL B 91 -7.67 -2.59 -13.74
CA VAL B 91 -6.45 -2.40 -14.51
C VAL B 91 -5.59 -3.60 -14.09
N ILE B 92 -5.35 -4.53 -15.01
CA ILE B 92 -4.69 -5.77 -14.68
C ILE B 92 -3.21 -5.59 -14.35
N GLU B 93 -2.85 -6.08 -13.17
CA GLU B 93 -1.51 -5.97 -12.61
C GLU B 93 -0.60 -7.04 -13.18
N GLU B 94 0.72 -6.87 -13.03
CA GLU B 94 1.69 -7.85 -13.51
C GLU B 94 1.60 -9.14 -12.73
N GLU B 95 1.38 -9.00 -11.43
CA GLU B 95 1.27 -10.12 -10.51
C GLU B 95 -0.01 -10.92 -10.62
N THR B 96 0.07 -12.26 -10.62
CA THR B 96 -1.19 -13.02 -10.47
C THR B 96 -1.34 -13.12 -8.96
N VAL B 97 -2.57 -13.08 -8.49
CA VAL B 97 -2.85 -13.23 -7.04
C VAL B 97 -4.00 -14.22 -6.86
N ASN B 98 -3.77 -15.19 -5.98
CA ASN B 98 -4.76 -16.25 -5.75
C ASN B 98 -5.17 -16.95 -7.06
N GLY B 99 -4.18 -17.16 -7.92
CA GLY B 99 -4.39 -17.81 -9.21
C GLY B 99 -5.26 -17.04 -10.17
N ARG B 100 -5.46 -15.76 -9.90
CA ARG B 100 -6.32 -14.96 -10.73
C ARG B 100 -5.65 -13.73 -11.22
N GLN B 101 -6.26 -13.12 -12.23
CA GLN B 101 -5.82 -11.82 -12.70
C GLN B 101 -6.13 -10.86 -11.54
N TYR B 102 -5.30 -9.83 -11.37
CA TYR B 102 -5.40 -8.96 -10.19
C TYR B 102 -5.45 -7.50 -10.54
N SER B 103 -6.17 -6.75 -9.72
CA SER B 103 -6.31 -5.31 -9.85
C SER B 103 -6.42 -4.77 -8.44
N ILE B 104 -6.04 -3.52 -8.27
CA ILE B 104 -6.05 -2.85 -7.00
C ILE B 104 -7.09 -1.75 -6.89
N GLY B 105 -7.99 -1.91 -5.92
CA GLY B 105 -9.05 -0.93 -5.64
C GLY B 105 -10.01 -0.83 -6.80
N GLY B 106 -10.53 0.36 -7.06
CA GLY B 106 -11.43 0.51 -8.21
C GLY B 106 -12.86 0.00 -8.07
N LEU B 107 -13.28 -0.35 -6.87
CA LEU B 107 -14.65 -0.82 -6.60
C LEU B 107 -15.52 0.37 -6.20
N SER B 108 -16.83 0.24 -6.42
CA SER B 108 -17.78 1.31 -6.09
C SER B 108 -19.19 0.79 -6.19
N LYS B 109 -20.11 1.55 -5.64
CA LYS B 109 -21.52 1.19 -5.71
C LYS B 109 -21.99 1.50 -7.11
N THR B 110 -22.78 0.59 -7.65
CA THR B 110 -23.33 0.76 -8.98
C THR B 110 -24.39 1.86 -8.90
N ASN B 111 -24.70 2.48 -10.03
CA ASN B 111 -25.72 3.54 -10.08
C ASN B 111 -27.10 3.08 -9.71
N SER B 112 -27.82 3.90 -8.96
N SER B 112 -27.81 3.91 -8.97
CA SER B 112 -29.23 3.60 -8.66
CA SER B 112 -29.19 3.65 -8.62
C SER B 112 -30.11 4.39 -9.62
C SER B 112 -30.11 4.41 -9.59
N LYS B 113 -29.55 5.36 -10.34
CA LYS B 113 -30.29 6.15 -11.32
C LYS B 113 -29.41 6.34 -12.54
N GLU B 114 -29.97 6.62 -13.73
CA GLU B 114 -29.11 6.85 -14.91
C GLU B 114 -28.51 8.24 -14.86
N PHE B 115 -27.49 8.34 -14.03
CA PHE B 115 -26.77 9.58 -13.80
C PHE B 115 -25.68 9.79 -14.83
N SER B 116 -25.62 11.00 -15.32
CA SER B 116 -24.65 11.42 -16.31
C SER B 116 -24.41 12.91 -16.12
N LYS B 117 -23.15 13.34 -16.14
CA LYS B 117 -22.83 14.76 -16.03
C LYS B 117 -21.57 15.11 -16.82
N GLU B 118 -21.59 16.26 -17.48
N GLU B 118 -21.59 16.23 -17.53
CA GLU B 118 -20.46 16.73 -18.26
CA GLU B 118 -20.42 16.68 -18.26
C GLU B 118 -19.72 17.72 -17.36
C GLU B 118 -19.70 17.73 -17.40
N VAL B 119 -18.50 17.37 -16.95
CA VAL B 119 -17.70 18.23 -16.07
C VAL B 119 -16.65 19.01 -16.85
N ASP B 120 -16.43 20.26 -16.49
CA ASP B 120 -15.36 21.04 -17.11
C ASP B 120 -14.01 20.54 -16.64
N VAL B 121 -13.08 20.46 -17.60
CA VAL B 121 -11.71 20.11 -17.38
C VAL B 121 -10.93 21.29 -17.90
N LYS B 122 -10.15 21.92 -17.03
CA LYS B 122 -9.37 23.09 -17.38
C LYS B 122 -7.89 22.77 -17.25
N VAL B 123 -7.17 22.92 -18.35
CA VAL B 123 -5.75 22.63 -18.37
C VAL B 123 -4.95 23.89 -18.47
N THR B 124 -4.09 24.08 -17.50
CA THR B 124 -3.27 25.24 -17.44
C THR B 124 -1.84 24.74 -17.46
N ARG B 125 -1.02 25.42 -18.23
CA ARG B 125 0.37 25.06 -18.31
C ARG B 125 1.07 26.08 -17.44
N LYS B 126 1.69 25.55 -16.40
CA LYS B 126 2.34 26.35 -15.38
C LYS B 126 3.83 26.43 -15.61
N ILE B 127 4.23 27.30 -16.52
CA ILE B 127 5.64 27.59 -16.77
C ILE B 127 5.75 29.10 -16.69
N ASP B 128 6.47 29.56 -15.66
CA ASP B 128 6.66 30.99 -15.42
C ASP B 128 7.81 31.56 -16.26
N SER B 131 1.28 32.19 -19.24
CA SER B 131 0.58 30.96 -19.58
C SER B 131 -0.72 30.86 -18.76
N LYS B 133 -3.97 31.57 -19.44
CA LYS B 133 -5.25 31.09 -19.95
C LYS B 133 -5.29 29.57 -19.89
N SER B 134 -6.46 29.01 -19.61
CA SER B 134 -6.60 27.56 -19.56
C SER B 134 -7.18 27.05 -20.87
N LYS B 135 -6.86 25.80 -21.20
CA LYS B 135 -7.40 25.12 -22.36
C LYS B 135 -8.49 24.20 -21.79
N ASP B 136 -9.75 24.51 -22.13
CA ASP B 136 -10.89 23.83 -21.55
C ASP B 136 -11.60 22.81 -22.44
N SER B 137 -12.08 21.74 -21.81
CA SER B 137 -12.84 20.69 -22.49
C SER B 137 -13.84 20.10 -21.48
N LYS B 138 -14.58 19.08 -21.90
CA LYS B 138 -15.57 18.44 -21.02
C LYS B 138 -15.22 16.99 -20.78
N PHE B 139 -15.55 16.49 -19.59
CA PHE B 139 -15.30 15.10 -19.23
C PHE B 139 -16.60 14.50 -18.68
N LYS B 140 -17.04 13.39 -19.27
CA LYS B 140 -18.32 12.80 -18.84
C LYS B 140 -18.22 11.80 -17.71
N ILE B 141 -19.02 12.06 -16.69
CA ILE B 141 -19.14 11.21 -15.51
C ILE B 141 -20.44 10.46 -15.69
N THR B 142 -20.42 9.14 -15.54
CA THR B 142 -21.67 8.37 -15.61
C THR B 142 -21.95 7.63 -14.31
N LYS B 143 -21.09 7.78 -13.31
CA LYS B 143 -21.28 7.05 -12.07
C LYS B 143 -21.52 7.96 -10.87
N GLU B 144 -22.55 7.60 -10.08
CA GLU B 144 -22.92 8.29 -8.86
C GLU B 144 -21.82 8.22 -7.82
N GLU B 145 -21.14 7.08 -7.78
CA GLU B 145 -20.02 6.89 -6.90
C GLU B 145 -18.88 6.40 -7.78
N ILE B 146 -17.72 7.03 -7.64
CA ILE B 146 -16.58 6.68 -8.48
C ILE B 146 -15.28 6.59 -7.71
N SER B 147 -14.48 5.58 -8.04
N SER B 147 -14.48 5.58 -8.04
CA SER B 147 -13.20 5.36 -7.36
CA SER B 147 -13.18 5.37 -7.41
C SER B 147 -12.17 6.35 -7.87
C SER B 147 -12.18 6.39 -7.88
N LEU B 148 -11.23 6.69 -7.00
CA LEU B 148 -10.15 7.61 -7.38
C LEU B 148 -9.34 6.92 -8.47
N LYS B 149 -9.27 5.58 -8.43
CA LYS B 149 -8.54 4.80 -9.42
C LYS B 149 -9.06 5.09 -10.82
N GLU B 150 -10.40 5.09 -10.94
CA GLU B 150 -11.05 5.31 -12.23
C GLU B 150 -10.83 6.75 -12.71
N LEU B 151 -11.12 7.72 -11.89
CA LEU B 151 -10.90 9.10 -12.32
C LEU B 151 -9.44 9.36 -12.69
N ASP B 152 -8.54 8.91 -11.81
CA ASP B 152 -7.09 9.07 -12.03
C ASP B 152 -6.70 8.48 -13.38
N PHE B 153 -7.13 7.26 -13.63
CA PHE B 153 -6.74 6.56 -14.83
C PHE B 153 -7.29 7.22 -16.08
N LYS B 154 -8.59 7.56 -16.06
CA LYS B 154 -9.20 8.15 -17.24
C LYS B 154 -8.67 9.54 -17.47
N LEU B 155 -8.44 10.29 -16.40
CA LEU B 155 -7.96 11.64 -16.60
C LEU B 155 -6.52 11.62 -17.12
N ARG B 156 -5.69 10.70 -16.65
CA ARG B 156 -4.34 10.64 -17.20
C ARG B 156 -4.34 10.21 -18.68
N LYS B 157 -5.23 9.30 -19.10
CA LYS B 157 -5.34 8.91 -20.56
C LYS B 157 -5.66 10.13 -21.40
N LYS B 158 -6.60 10.94 -20.92
CA LYS B 158 -7.00 12.15 -21.62
C LYS B 158 -5.77 13.06 -21.76
N LEU B 159 -5.01 13.20 -20.68
CA LEU B 159 -3.84 14.05 -20.72
C LEU B 159 -2.73 13.46 -21.59
N MET B 160 -2.67 12.14 -21.74
CA MET B 160 -1.64 11.52 -22.59
C MET B 160 -2.05 11.72 -24.02
N GLU B 161 -3.35 11.50 -24.27
CA GLU B 161 -3.94 11.66 -25.60
C GLU B 161 -3.95 13.09 -26.09
N GLU B 162 -4.13 14.04 -25.19
CA GLU B 162 -4.31 15.42 -25.59
C GLU B 162 -3.26 16.40 -25.20
N GLU B 163 -2.48 16.12 -24.17
CA GLU B 163 -1.55 17.11 -23.67
C GLU B 163 -0.13 16.57 -23.56
N LYS B 164 0.12 15.45 -24.23
CA LYS B 164 1.44 14.80 -24.32
C LYS B 164 1.97 14.34 -22.98
N LEU B 165 1.08 13.89 -22.10
CA LEU B 165 1.52 13.39 -20.81
C LEU B 165 2.25 12.07 -21.02
N TYR B 166 3.43 11.95 -20.41
CA TYR B 166 4.27 10.76 -20.53
C TYR B 166 4.58 10.43 -22.02
N GLY B 167 4.64 11.48 -22.86
CA GLY B 167 4.96 11.31 -24.27
C GLY B 167 6.45 11.03 -24.35
N ALA B 168 7.16 11.57 -23.37
CA ALA B 168 8.58 11.38 -23.26
C ALA B 168 9.01 11.74 -21.84
N VAL B 169 10.34 11.83 -21.65
CA VAL B 169 10.92 12.23 -20.37
C VAL B 169 10.65 13.74 -20.24
N ASN B 170 10.52 14.21 -19.00
CA ASN B 170 10.14 15.60 -18.70
C ASN B 170 8.65 15.93 -18.96
N ASN B 171 7.88 14.96 -19.44
CA ASN B 171 6.41 15.17 -19.62
C ASN B 171 5.70 14.31 -18.57
N ARG B 172 5.93 14.67 -17.31
CA ARG B 172 5.40 13.91 -16.17
C ARG B 172 5.10 14.74 -14.92
N LYS B 173 5.45 16.02 -14.90
CA LYS B 173 5.18 16.87 -13.75
C LYS B 173 3.87 17.65 -13.85
N GLY B 174 3.18 17.74 -12.71
CA GLY B 174 1.91 18.46 -12.59
C GLY B 174 0.91 17.77 -11.70
N LYS B 175 -0.34 18.23 -11.76
CA LYS B 175 -1.38 17.60 -10.97
C LYS B 175 -2.77 17.74 -11.55
N ILE B 176 -3.59 16.78 -11.19
CA ILE B 176 -5.01 16.80 -11.47
C ILE B 176 -5.70 17.06 -10.14
N VAL B 177 -6.58 18.06 -10.12
CA VAL B 177 -7.38 18.36 -8.93
C VAL B 177 -8.88 18.24 -9.27
N VAL B 178 -9.56 17.33 -8.60
CA VAL B 178 -11.00 17.11 -8.75
C VAL B 178 -11.67 17.94 -7.68
N LYS B 179 -12.40 18.97 -8.10
CA LYS B 179 -13.03 19.85 -7.14
C LYS B 179 -14.51 19.51 -7.00
N MET B 180 -14.99 19.50 -5.74
CA MET B 180 -16.35 19.15 -5.41
C MET B 180 -17.17 20.42 -5.16
N GLU B 181 -18.50 20.28 -5.15
N GLU B 181 -18.50 20.30 -5.13
CA GLU B 181 -19.46 21.38 -4.98
CA GLU B 181 -19.42 21.44 -4.93
C GLU B 181 -19.32 22.17 -3.68
C GLU B 181 -19.27 22.16 -3.59
N ASP B 182 -18.80 21.52 -2.64
N ASP B 182 -18.79 21.44 -2.57
CA ASP B 182 -18.62 22.17 -1.34
CA ASP B 182 -18.58 22.06 -1.24
C ASP B 182 -17.17 22.55 -1.07
C ASP B 182 -17.13 22.49 -1.04
N ASP B 183 -16.39 22.62 -2.14
CA ASP B 183 -14.96 23.02 -2.07
C ASP B 183 -13.99 22.00 -1.43
N LYS B 184 -14.43 20.76 -1.32
CA LYS B 184 -13.53 19.68 -0.93
C LYS B 184 -12.79 19.33 -2.24
N PHE B 185 -11.63 18.70 -2.16
CA PHE B 185 -10.95 18.32 -3.41
C PHE B 185 -10.10 17.09 -3.24
N TYR B 186 -9.68 16.56 -4.36
CA TYR B 186 -8.89 15.34 -4.41
C TYR B 186 -7.79 15.60 -5.44
N THR B 187 -6.56 15.25 -5.12
CA THR B 187 -5.41 15.53 -5.98
C THR B 187 -4.62 14.32 -6.47
N PHE B 188 -4.25 14.34 -7.74
CA PHE B 188 -3.43 13.29 -8.30
C PHE B 188 -2.13 13.90 -8.82
N GLU B 189 -1.00 13.57 -8.17
CA GLU B 189 0.31 14.09 -8.58
C GLU B 189 0.75 13.28 -9.80
N LEU B 190 1.05 13.96 -10.90
CA LEU B 190 1.37 13.27 -12.15
C LEU B 190 2.77 12.66 -12.23
N THR B 191 3.66 13.10 -11.35
CA THR B 191 5.03 12.59 -11.38
C THR B 191 5.14 11.15 -10.83
N LYS B 192 4.05 10.63 -10.29
CA LYS B 192 4.02 9.25 -9.79
C LYS B 192 2.63 8.64 -9.86
N LYS B 193 2.58 7.31 -9.71
CA LYS B 193 1.34 6.58 -9.74
C LYS B 193 0.46 6.88 -8.55
N LEU B 194 -0.84 6.80 -8.74
CA LEU B 194 -1.75 6.97 -7.65
C LEU B 194 -1.35 5.96 -6.59
N GLN B 195 -1.32 6.38 -5.33
CA GLN B 195 -0.87 5.49 -4.28
C GLN B 195 -1.87 4.35 -4.13
N PRO B 196 -1.38 3.13 -3.89
CA PRO B 196 -2.28 1.99 -3.76
C PRO B 196 -3.41 2.17 -2.72
N HIS B 197 -3.13 2.83 -1.58
CA HIS B 197 -4.15 2.98 -0.52
C HIS B 197 -5.24 3.96 -0.88
N ARG B 198 -5.07 4.72 -1.96
CA ARG B 198 -6.05 5.65 -2.42
C ARG B 198 -6.89 5.11 -3.60
N MET B 199 -6.44 4.02 -4.23
CA MET B 199 -7.19 3.46 -5.41
C MET B 199 -8.67 3.05 -5.16
N GLY B 200 -8.94 2.59 -3.94
CA GLY B 200 -10.25 2.22 -3.48
C GLY B 200 -11.07 3.34 -2.83
N ASP B 201 -10.53 4.55 -2.70
CA ASP B 201 -11.31 5.64 -2.13
C ASP B 201 -12.34 6.04 -3.18
N THR B 202 -13.55 6.38 -2.73
CA THR B 202 -14.61 6.75 -3.66
C THR B 202 -15.12 8.13 -3.39
N ILE B 203 -15.69 8.78 -4.41
CA ILE B 203 -16.28 10.08 -4.22
C ILE B 203 -17.66 10.17 -4.91
N ASP B 204 -18.45 11.15 -4.48
CA ASP B 204 -19.78 11.33 -5.05
C ASP B 204 -19.68 12.01 -6.39
N GLY B 205 -19.78 11.21 -7.45
CA GLY B 205 -19.71 11.72 -8.79
C GLY B 205 -20.74 12.79 -9.07
N THR B 206 -21.86 12.81 -8.33
CA THR B 206 -22.90 13.83 -8.56
C THR B 206 -22.52 15.16 -8.00
N LYS B 207 -21.47 15.21 -7.20
CA LYS B 207 -21.07 16.45 -6.58
C LYS B 207 -19.76 17.01 -7.10
N ILE B 208 -19.23 16.43 -8.18
CA ILE B 208 -18.00 16.95 -8.79
C ILE B 208 -18.40 18.22 -9.53
N LYS B 209 -17.65 19.29 -9.24
CA LYS B 209 -17.91 20.61 -9.78
C LYS B 209 -17.01 20.89 -10.98
N GLU B 210 -15.75 20.51 -10.91
CA GLU B 210 -14.83 20.72 -12.02
C GLU B 210 -13.53 19.99 -11.78
N ILE B 211 -12.74 19.88 -12.83
CA ILE B 211 -11.44 19.23 -12.79
C ILE B 211 -10.41 20.24 -13.27
N ASN B 212 -9.40 20.49 -12.44
CA ASN B 212 -8.35 21.47 -12.75
C ASN B 212 -7.02 20.80 -12.88
N VAL B 213 -6.38 21.01 -14.03
CA VAL B 213 -5.12 20.37 -14.32
C VAL B 213 -4.01 21.40 -14.53
N GLU B 214 -2.90 21.22 -13.81
CA GLU B 214 -1.75 22.10 -13.96
C GLU B 214 -0.63 21.26 -14.44
N LEU B 215 -0.11 21.60 -15.61
CA LEU B 215 0.99 20.88 -16.19
C LEU B 215 2.22 21.76 -16.10
N GLU B 216 3.28 21.22 -15.51
CA GLU B 216 4.51 21.98 -15.35
C GLU B 216 5.55 21.58 -16.38
N TYR B 217 5.12 21.41 -17.63
CA TYR B 217 6.03 21.08 -18.73
C TYR B 217 5.45 21.61 -20.02
N LYS B 218 6.19 21.47 -21.11
CA LYS B 218 5.71 21.88 -22.41
C LYS B 218 6.52 21.18 -23.49
#